data_2LS1
#
_entry.id   2LS1
#
_entity_poly.entity_id   1
_entity_poly.type   'polypeptide(L)'
_entity_poly.pdbx_seq_one_letter_code
;CVWGGDCTDFLGCGTAWICV
;
_entity_poly.pdbx_strand_id   A
#
# COMPACT_ATOMS: atom_id res chain seq x y z
N CYS A 1 2.57 -1.95 3.24
CA CYS A 1 3.45 -1.11 4.05
C CYS A 1 4.64 -0.75 3.22
N VAL A 2 4.44 0.06 2.16
CA VAL A 2 5.50 0.72 1.43
C VAL A 2 5.03 2.15 1.33
N TRP A 3 5.70 2.97 0.48
CA TRP A 3 5.25 4.32 0.24
C TRP A 3 5.44 4.56 -1.22
N GLY A 4 4.49 5.32 -1.83
CA GLY A 4 4.49 5.65 -3.23
C GLY A 4 3.87 4.52 -4.00
N GLY A 5 2.61 4.18 -3.67
CA GLY A 5 1.91 3.07 -4.26
C GLY A 5 0.50 3.48 -4.53
N ASP A 6 -0.22 2.58 -5.25
CA ASP A 6 -1.53 2.81 -5.78
C ASP A 6 -2.58 2.41 -4.78
N CYS A 7 -2.35 1.27 -4.08
CA CYS A 7 -3.34 0.63 -3.25
C CYS A 7 -2.83 0.72 -1.83
N THR A 8 -3.10 -0.31 -0.99
CA THR A 8 -2.86 -0.28 0.44
C THR A 8 -2.33 -1.64 0.80
N ASP A 9 -1.38 -1.71 1.78
CA ASP A 9 -1.02 -2.97 2.41
C ASP A 9 -2.00 -3.09 3.56
N PHE A 10 -1.55 -2.72 4.79
CA PHE A 10 -2.39 -2.53 5.94
C PHE A 10 -2.75 -1.07 5.94
N LEU A 11 -3.96 -0.74 6.44
CA LEU A 11 -4.47 0.61 6.46
C LEU A 11 -3.95 1.27 7.70
N GLY A 12 -3.26 2.42 7.52
CA GLY A 12 -2.62 3.16 8.58
C GLY A 12 -1.14 3.00 8.47
N CYS A 13 -0.67 1.90 7.82
CA CYS A 13 0.71 1.57 7.67
C CYS A 13 1.26 2.31 6.49
N GLY A 14 0.79 1.96 5.27
CA GLY A 14 1.23 2.61 4.08
C GLY A 14 0.47 2.06 2.93
N THR A 15 0.97 2.29 1.70
CA THR A 15 0.39 1.89 0.47
C THR A 15 0.90 0.52 0.12
N ALA A 16 0.51 0.01 -1.06
CA ALA A 16 1.10 -1.16 -1.65
C ALA A 16 1.11 -0.86 -3.11
N TRP A 17 1.94 -1.62 -3.87
CA TRP A 17 2.16 -1.38 -5.27
C TRP A 17 1.16 -2.19 -6.04
N ILE A 18 1.38 -3.52 -6.12
CA ILE A 18 0.48 -4.43 -6.81
C ILE A 18 -0.44 -4.96 -5.75
N CYS A 19 -1.77 -4.88 -6.02
CA CYS A 19 -2.79 -5.51 -5.22
C CYS A 19 -3.62 -6.30 -6.19
N VAL A 20 -4.43 -7.25 -5.66
CA VAL A 20 -5.31 -8.08 -6.44
C VAL A 20 -6.58 -7.28 -6.75
N CYS A 1 2.61 -1.68 3.25
CA CYS A 1 3.30 -0.60 3.90
C CYS A 1 4.57 -0.32 3.16
N VAL A 2 4.43 0.33 1.99
CA VAL A 2 5.53 0.89 1.22
C VAL A 2 5.13 2.32 0.99
N TRP A 3 5.94 3.04 0.19
CA TRP A 3 5.66 4.41 -0.20
C TRP A 3 5.55 4.40 -1.70
N GLY A 4 4.56 5.16 -2.22
CA GLY A 4 4.39 5.40 -3.63
C GLY A 4 3.71 4.24 -4.28
N GLY A 5 2.49 3.90 -3.80
CA GLY A 5 1.73 2.79 -4.29
C GLY A 5 0.32 3.26 -4.49
N ASP A 6 -0.49 2.39 -5.12
CA ASP A 6 -1.84 2.70 -5.53
C ASP A 6 -2.80 2.30 -4.44
N CYS A 7 -2.60 1.10 -3.84
CA CYS A 7 -3.57 0.48 -2.97
C CYS A 7 -3.06 0.59 -1.56
N THR A 8 -3.20 -0.49 -0.75
CA THR A 8 -2.96 -0.45 0.67
C THR A 8 -2.34 -1.79 1.00
N ASP A 9 -1.36 -1.83 1.95
CA ASP A 9 -0.89 -3.05 2.57
C ASP A 9 -1.78 -3.24 3.77
N PHE A 10 -1.29 -2.84 4.96
CA PHE A 10 -2.05 -2.68 6.18
C PHE A 10 -2.59 -1.28 6.15
N LEU A 11 -3.81 -1.09 6.69
CA LEU A 11 -4.48 0.19 6.68
C LEU A 11 -3.98 0.99 7.85
N GLY A 12 -3.45 2.20 7.56
CA GLY A 12 -2.89 3.09 8.54
C GLY A 12 -1.40 3.16 8.35
N CYS A 13 -0.78 2.08 7.83
CA CYS A 13 0.65 1.96 7.69
C CYS A 13 1.07 2.64 6.41
N GLY A 14 0.65 2.10 5.25
CA GLY A 14 1.03 2.71 3.99
C GLY A 14 0.30 2.03 2.87
N THR A 15 0.81 2.24 1.63
CA THR A 15 0.27 1.80 0.41
C THR A 15 0.82 0.44 0.07
N ALA A 16 0.48 -0.10 -1.12
CA ALA A 16 1.09 -1.30 -1.63
C ALA A 16 1.22 -1.13 -3.11
N TRP A 17 2.22 -1.82 -3.69
CA TRP A 17 2.55 -1.76 -5.10
C TRP A 17 1.76 -2.81 -5.80
N ILE A 18 1.77 -4.06 -5.27
CA ILE A 18 1.04 -5.17 -5.81
C ILE A 18 -0.36 -5.05 -5.27
N CYS A 19 -1.33 -4.89 -6.19
CA CYS A 19 -2.71 -4.62 -5.87
C CYS A 19 -3.53 -5.70 -6.52
N VAL A 20 -4.81 -5.80 -6.11
CA VAL A 20 -5.73 -6.79 -6.63
C VAL A 20 -6.33 -6.22 -7.92
N CYS A 1 2.53 -1.89 3.21
CA CYS A 1 3.40 -1.09 4.05
C CYS A 1 4.63 -0.75 3.25
N VAL A 2 4.45 0.01 2.14
CA VAL A 2 5.53 0.63 1.41
C VAL A 2 5.05 2.05 1.20
N TRP A 3 5.75 2.85 0.38
CA TRP A 3 5.32 4.18 0.07
C TRP A 3 5.55 4.37 -1.41
N GLY A 4 4.65 5.18 -2.03
CA GLY A 4 4.70 5.48 -3.44
C GLY A 4 3.98 4.41 -4.19
N GLY A 5 2.76 4.05 -3.72
CA GLY A 5 1.99 2.97 -4.28
C GLY A 5 0.61 3.45 -4.60
N ASP A 6 -0.15 2.57 -5.27
CA ASP A 6 -1.45 2.85 -5.83
C ASP A 6 -2.52 2.45 -4.85
N CYS A 7 -2.32 1.31 -4.17
CA CYS A 7 -3.33 0.68 -3.34
C CYS A 7 -2.85 0.76 -1.91
N THR A 8 -3.14 -0.26 -1.07
CA THR A 8 -2.90 -0.21 0.35
C THR A 8 -2.37 -1.57 0.74
N ASP A 9 -1.43 -1.63 1.73
CA ASP A 9 -1.07 -2.87 2.37
C ASP A 9 -2.04 -3.00 3.53
N PHE A 10 -1.58 -2.66 4.75
CA PHE A 10 -2.36 -2.60 5.95
C PHE A 10 -2.87 -1.19 6.09
N LEU A 11 -3.95 -1.03 6.88
CA LEU A 11 -4.62 0.24 7.06
C LEU A 11 -3.88 1.03 8.10
N GLY A 12 -3.44 2.26 7.72
CA GLY A 12 -2.75 3.17 8.60
C GLY A 12 -1.26 2.99 8.51
N CYS A 13 -0.79 1.95 7.77
CA CYS A 13 0.60 1.62 7.64
C CYS A 13 1.15 2.38 6.48
N GLY A 14 0.74 2.00 5.25
CA GLY A 14 1.19 2.67 4.07
C GLY A 14 0.43 2.11 2.91
N THR A 15 0.92 2.37 1.69
CA THR A 15 0.35 1.96 0.45
C THR A 15 0.91 0.60 0.11
N ALA A 16 0.47 0.04 -1.03
CA ALA A 16 1.10 -1.11 -1.63
C ALA A 16 1.14 -0.79 -3.08
N TRP A 17 2.00 -1.50 -3.84
CA TRP A 17 2.26 -1.19 -5.22
C TRP A 17 1.22 -1.89 -6.05
N ILE A 18 1.34 -3.24 -6.17
CA ILE A 18 0.35 -4.05 -6.83
C ILE A 18 -0.53 -4.64 -5.75
N CYS A 19 -1.81 -4.86 -6.10
CA CYS A 19 -2.77 -5.50 -5.24
C CYS A 19 -3.60 -6.37 -6.14
N VAL A 20 -4.33 -7.33 -5.53
CA VAL A 20 -5.21 -8.24 -6.25
C VAL A 20 -6.52 -7.51 -6.56
N CYS A 1 2.39 -2.09 3.04
CA CYS A 1 3.34 -1.31 3.81
C CYS A 1 4.51 -0.99 2.92
N VAL A 2 4.28 -0.13 1.89
CA VAL A 2 5.34 0.47 1.12
C VAL A 2 4.96 1.92 1.04
N TRP A 3 5.61 2.71 0.17
CA TRP A 3 5.24 4.09 -0.03
C TRP A 3 5.35 4.36 -1.51
N GLY A 4 4.42 5.19 -2.02
CA GLY A 4 4.37 5.58 -3.41
C GLY A 4 3.60 4.55 -4.18
N GLY A 5 2.36 4.26 -3.73
CA GLY A 5 1.53 3.25 -4.32
C GLY A 5 0.13 3.78 -4.42
N ASP A 6 -0.71 3.03 -5.18
CA ASP A 6 -2.06 3.40 -5.51
C ASP A 6 -3.02 2.86 -4.50
N CYS A 7 -2.74 1.66 -3.95
CA CYS A 7 -3.63 0.90 -3.12
C CYS A 7 -3.06 0.92 -1.73
N THR A 8 -3.37 -0.11 -0.89
CA THR A 8 -3.07 -0.10 0.52
C THR A 8 -2.59 -1.49 0.85
N ASP A 9 -1.61 -1.64 1.77
CA ASP A 9 -1.28 -2.92 2.37
C ASP A 9 -2.20 -3.03 3.56
N PHE A 10 -1.70 -2.69 4.77
CA PHE A 10 -2.47 -2.49 5.96
C PHE A 10 -2.75 -1.01 6.00
N LEU A 11 -3.93 -0.63 6.56
CA LEU A 11 -4.35 0.75 6.63
C LEU A 11 -3.74 1.36 7.86
N GLY A 12 -2.99 2.48 7.65
CA GLY A 12 -2.27 3.16 8.70
C GLY A 12 -0.81 2.92 8.52
N CYS A 13 -0.43 1.82 7.83
CA CYS A 13 0.93 1.41 7.61
C CYS A 13 1.46 2.15 6.42
N GLY A 14 0.92 1.84 5.22
CA GLY A 14 1.35 2.49 4.01
C GLY A 14 0.50 2.00 2.90
N THR A 15 0.95 2.24 1.65
CA THR A 15 0.30 1.90 0.44
C THR A 15 0.70 0.51 0.03
N ALA A 16 0.29 0.06 -1.17
CA ALA A 16 0.75 -1.16 -1.75
C ALA A 16 0.96 -0.88 -3.20
N TRP A 17 1.79 -1.73 -3.85
CA TRP A 17 2.09 -1.64 -5.26
C TRP A 17 1.29 -2.75 -5.89
N ILE A 18 1.65 -4.02 -5.57
CA ILE A 18 0.94 -5.20 -5.99
C ILE A 18 -0.09 -5.44 -4.92
N CYS A 19 -1.37 -5.53 -5.33
CA CYS A 19 -2.49 -5.65 -4.43
C CYS A 19 -3.54 -6.43 -5.17
N VAL A 20 -3.85 -6.01 -6.42
CA VAL A 20 -4.83 -6.63 -7.27
C VAL A 20 -4.10 -7.61 -8.20
N CYS A 1 2.49 -1.84 3.20
CA CYS A 1 3.23 -0.83 3.91
C CYS A 1 4.54 -0.59 3.21
N VAL A 2 4.46 0.10 2.05
CA VAL A 2 5.57 0.70 1.38
C VAL A 2 5.15 2.13 1.23
N TRP A 3 5.83 2.92 0.37
CA TRP A 3 5.42 4.27 0.11
C TRP A 3 5.60 4.48 -1.37
N GLY A 4 4.66 5.26 -1.96
CA GLY A 4 4.64 5.57 -3.38
C GLY A 4 3.97 4.45 -4.10
N GLY A 5 2.72 4.12 -3.70
CA GLY A 5 1.98 3.02 -4.25
C GLY A 5 0.58 3.47 -4.54
N ASP A 6 -0.15 2.59 -5.25
CA ASP A 6 -1.46 2.86 -5.79
C ASP A 6 -2.51 2.46 -4.80
N CYS A 7 -2.30 1.32 -4.10
CA CYS A 7 -3.30 0.69 -3.28
C CYS A 7 -2.82 0.76 -1.86
N THR A 8 -3.11 -0.26 -1.02
CA THR A 8 -2.88 -0.22 0.41
C THR A 8 -2.39 -1.59 0.78
N ASP A 9 -1.44 -1.69 1.76
CA ASP A 9 -1.08 -2.94 2.39
C ASP A 9 -2.03 -3.08 3.56
N PHE A 10 -1.54 -2.76 4.78
CA PHE A 10 -2.28 -2.67 6.00
C PHE A 10 -2.82 -1.27 6.09
N LEU A 11 -3.91 -1.10 6.86
CA LEU A 11 -4.61 0.16 7.00
C LEU A 11 -3.88 0.99 8.03
N GLY A 12 -3.47 2.21 7.61
CA GLY A 12 -2.83 3.16 8.48
C GLY A 12 -1.33 3.11 8.37
N CYS A 13 -0.79 2.01 7.80
CA CYS A 13 0.64 1.78 7.73
C CYS A 13 1.16 2.48 6.50
N GLY A 14 0.74 2.03 5.30
CA GLY A 14 1.21 2.66 4.09
C GLY A 14 0.45 2.08 2.93
N THR A 15 0.97 2.32 1.71
CA THR A 15 0.42 1.92 0.46
C THR A 15 0.92 0.55 0.10
N ALA A 16 0.52 0.04 -1.07
CA ALA A 16 1.12 -1.13 -1.66
C ALA A 16 1.14 -0.85 -3.13
N TRP A 17 1.96 -1.61 -3.87
CA TRP A 17 2.20 -1.38 -5.27
C TRP A 17 1.18 -2.17 -6.04
N ILE A 18 1.38 -3.51 -6.14
CA ILE A 18 0.46 -4.40 -6.82
C ILE A 18 -0.46 -4.94 -5.76
N CYS A 19 -1.78 -4.83 -6.01
CA CYS A 19 -2.81 -5.46 -5.21
C CYS A 19 -3.64 -6.25 -6.18
N VAL A 20 -4.44 -7.20 -5.63
CA VAL A 20 -5.31 -8.05 -6.41
C VAL A 20 -6.67 -7.35 -6.67
N CYS A 1 2.44 -2.02 2.96
CA CYS A 1 3.27 -1.21 3.81
C CYS A 1 4.48 -0.78 3.01
N VAL A 2 4.29 0.06 1.98
CA VAL A 2 5.38 0.69 1.27
C VAL A 2 4.98 2.13 1.15
N TRP A 3 5.78 2.93 0.38
CA TRP A 3 5.48 4.31 0.11
C TRP A 3 5.51 4.44 -1.39
N GLY A 4 4.58 5.26 -1.93
CA GLY A 4 4.52 5.61 -3.32
C GLY A 4 3.92 4.49 -4.11
N GLY A 5 2.65 4.13 -3.78
CA GLY A 5 1.97 3.02 -4.39
C GLY A 5 0.58 3.44 -4.70
N ASP A 6 -0.14 2.54 -5.41
CA ASP A 6 -1.44 2.81 -5.98
C ASP A 6 -2.52 2.50 -4.98
N CYS A 7 -2.38 1.37 -4.24
CA CYS A 7 -3.44 0.83 -3.43
C CYS A 7 -2.97 0.86 -2.00
N THR A 8 -3.15 -0.24 -1.24
CA THR A 8 -2.96 -0.28 0.18
C THR A 8 -2.41 -1.65 0.47
N ASP A 9 -1.49 -1.79 1.47
CA ASP A 9 -1.11 -3.08 2.01
C ASP A 9 -2.09 -3.31 3.13
N PHE A 10 -1.69 -3.02 4.38
CA PHE A 10 -2.53 -2.91 5.54
C PHE A 10 -2.94 -1.46 5.61
N LEU A 11 -4.16 -1.21 6.14
CA LEU A 11 -4.73 0.12 6.20
C LEU A 11 -4.20 0.79 7.43
N GLY A 12 -3.60 1.99 7.25
CA GLY A 12 -2.98 2.76 8.30
C GLY A 12 -1.50 2.63 8.23
N CYS A 13 -1.00 1.57 7.54
CA CYS A 13 0.41 1.26 7.44
C CYS A 13 0.98 2.03 6.28
N GLY A 14 0.57 1.67 5.04
CA GLY A 14 1.07 2.35 3.88
C GLY A 14 0.32 1.85 2.68
N THR A 15 0.87 2.14 1.48
CA THR A 15 0.32 1.82 0.21
C THR A 15 0.81 0.45 -0.20
N ALA A 16 0.49 0.03 -1.45
CA ALA A 16 1.07 -1.16 -2.02
C ALA A 16 1.17 -0.92 -3.48
N TRP A 17 2.18 -1.57 -4.12
CA TRP A 17 2.50 -1.41 -5.51
C TRP A 17 1.65 -2.38 -6.28
N ILE A 18 1.76 -3.68 -5.91
CA ILE A 18 0.88 -4.72 -6.37
C ILE A 18 -0.28 -4.66 -5.41
N CYS A 19 -1.51 -4.55 -5.95
CA CYS A 19 -2.68 -4.23 -5.17
C CYS A 19 -3.28 -5.49 -4.59
N VAL A 20 -3.94 -5.33 -3.44
CA VAL A 20 -4.54 -6.41 -2.68
C VAL A 20 -5.96 -6.69 -3.19
N CYS A 1 2.56 -1.81 3.25
CA CYS A 1 3.31 -0.77 3.90
C CYS A 1 4.61 -0.56 3.17
N VAL A 2 4.50 0.05 1.99
CA VAL A 2 5.59 0.65 1.25
C VAL A 2 5.11 2.06 1.04
N TRP A 3 5.77 2.83 0.15
CA TRP A 3 5.30 4.15 -0.19
C TRP A 3 5.45 4.31 -1.67
N GLY A 4 4.52 5.08 -2.27
CA GLY A 4 4.47 5.33 -3.69
C GLY A 4 3.70 4.23 -4.33
N GLY A 5 2.52 3.90 -3.77
CA GLY A 5 1.70 2.81 -4.23
C GLY A 5 0.31 3.31 -4.45
N ASP A 6 -0.49 2.47 -5.14
CA ASP A 6 -1.84 2.78 -5.57
C ASP A 6 -2.81 2.34 -4.51
N CYS A 7 -2.56 1.16 -3.90
CA CYS A 7 -3.51 0.49 -3.04
C CYS A 7 -3.00 0.60 -1.62
N THR A 8 -3.23 -0.43 -0.79
CA THR A 8 -2.96 -0.37 0.64
C THR A 8 -2.41 -1.72 1.02
N ASP A 9 -1.41 -1.76 1.95
CA ASP A 9 -1.02 -2.99 2.61
C ASP A 9 -1.92 -3.10 3.81
N PHE A 10 -1.42 -2.70 4.99
CA PHE A 10 -2.16 -2.52 6.22
C PHE A 10 -2.63 -1.10 6.22
N LEU A 11 -3.81 -0.85 6.84
CA LEU A 11 -4.43 0.45 6.88
C LEU A 11 -3.81 1.20 8.03
N GLY A 12 -3.27 2.39 7.73
CA GLY A 12 -2.63 3.25 8.70
C GLY A 12 -1.14 3.24 8.50
N CYS A 13 -0.60 2.12 7.95
CA CYS A 13 0.83 1.93 7.80
C CYS A 13 1.27 2.61 6.53
N GLY A 14 0.80 2.13 5.36
CA GLY A 14 1.18 2.73 4.11
C GLY A 14 0.40 2.12 3.01
N THR A 15 0.86 2.34 1.75
CA THR A 15 0.27 1.89 0.54
C THR A 15 0.85 0.55 0.18
N ALA A 16 0.39 -0.04 -0.94
CA ALA A 16 1.01 -1.20 -1.52
C ALA A 16 1.00 -0.96 -2.99
N TRP A 17 1.83 -1.73 -3.73
CA TRP A 17 2.01 -1.54 -5.15
C TRP A 17 0.99 -2.38 -5.86
N ILE A 18 1.20 -3.71 -5.89
CA ILE A 18 0.31 -4.64 -6.54
C ILE A 18 -0.58 -5.18 -5.45
N CYS A 19 -1.91 -5.06 -5.66
CA CYS A 19 -2.92 -5.68 -4.84
C CYS A 19 -3.74 -6.51 -5.79
N VAL A 20 -4.21 -5.87 -6.88
CA VAL A 20 -4.98 -6.53 -7.91
C VAL A 20 -3.96 -7.07 -8.93
N CYS A 1 2.53 -1.82 3.34
CA CYS A 1 3.42 -0.96 4.08
C CYS A 1 4.59 -0.64 3.20
N VAL A 2 4.34 0.09 2.08
CA VAL A 2 5.38 0.66 1.26
C VAL A 2 4.96 2.08 1.05
N TRP A 3 5.62 2.81 0.11
CA TRP A 3 5.22 4.15 -0.22
C TRP A 3 5.34 4.27 -1.71
N GLY A 4 4.41 5.03 -2.33
CA GLY A 4 4.35 5.25 -3.75
C GLY A 4 3.62 4.11 -4.39
N GLY A 5 2.40 3.83 -3.90
CA GLY A 5 1.60 2.72 -4.37
C GLY A 5 0.20 3.22 -4.54
N ASP A 6 -0.65 2.35 -5.12
CA ASP A 6 -1.99 2.69 -5.54
C ASP A 6 -2.97 2.38 -4.45
N CYS A 7 -2.79 1.23 -3.76
CA CYS A 7 -3.76 0.70 -2.83
C CYS A 7 -3.16 0.81 -1.45
N THR A 8 -3.36 -0.21 -0.58
CA THR A 8 -3.03 -0.15 0.83
C THR A 8 -2.49 -1.51 1.16
N ASP A 9 -1.49 -1.61 2.09
CA ASP A 9 -1.11 -2.85 2.72
C ASP A 9 -2.00 -2.97 3.93
N PHE A 10 -1.48 -2.61 5.10
CA PHE A 10 -2.21 -2.44 6.33
C PHE A 10 -2.67 -1.01 6.36
N LEU A 11 -3.83 -0.76 7.00
CA LEU A 11 -4.45 0.53 7.06
C LEU A 11 -3.81 1.27 8.20
N GLY A 12 -3.14 2.40 7.86
CA GLY A 12 -2.42 3.22 8.81
C GLY A 12 -1.00 2.74 8.90
N CYS A 13 -0.43 2.36 7.74
CA CYS A 13 0.93 1.90 7.63
C CYS A 13 1.46 2.54 6.38
N GLY A 14 0.95 2.09 5.22
CA GLY A 14 1.37 2.65 3.95
C GLY A 14 0.52 2.08 2.88
N THR A 15 0.96 2.26 1.61
CA THR A 15 0.30 1.84 0.43
C THR A 15 0.73 0.42 0.10
N ALA A 16 0.33 -0.09 -1.08
CA ALA A 16 0.84 -1.33 -1.60
C ALA A 16 0.95 -1.16 -3.08
N TRP A 17 1.92 -1.86 -3.68
CA TRP A 17 2.25 -1.77 -5.09
C TRP A 17 1.41 -2.78 -5.81
N ILE A 18 1.41 -4.05 -5.32
CA ILE A 18 0.62 -5.12 -5.86
C ILE A 18 -0.75 -4.96 -5.26
N CYS A 19 -1.76 -4.77 -6.12
CA CYS A 19 -3.12 -4.49 -5.74
C CYS A 19 -3.96 -5.54 -6.40
N VAL A 20 -3.75 -5.72 -7.73
CA VAL A 20 -4.43 -6.73 -8.51
C VAL A 20 -3.69 -8.07 -8.32
N CYS A 1 2.61 -1.90 3.32
CA CYS A 1 3.50 -1.07 4.09
C CYS A 1 4.69 -0.73 3.22
N VAL A 2 4.45 0.05 2.15
CA VAL A 2 5.50 0.68 1.36
C VAL A 2 5.01 2.09 1.19
N TRP A 3 5.65 2.88 0.30
CA TRP A 3 5.19 4.21 0.01
C TRP A 3 5.34 4.40 -1.47
N GLY A 4 4.40 5.16 -2.07
CA GLY A 4 4.37 5.46 -3.47
C GLY A 4 3.69 4.32 -4.19
N GLY A 5 2.47 3.97 -3.75
CA GLY A 5 1.72 2.86 -4.30
C GLY A 5 0.32 3.28 -4.54
N ASP A 6 -0.43 2.36 -5.20
CA ASP A 6 -1.76 2.59 -5.70
C ASP A 6 -2.77 2.21 -4.67
N CYS A 7 -2.53 1.09 -3.96
CA CYS A 7 -3.50 0.47 -3.07
C CYS A 7 -2.96 0.60 -1.68
N THR A 8 -3.20 -0.42 -0.80
CA THR A 8 -2.92 -0.34 0.61
C THR A 8 -2.36 -1.68 0.99
N ASP A 9 -1.39 -1.73 1.96
CA ASP A 9 -0.99 -2.96 2.62
C ASP A 9 -1.94 -3.06 3.79
N PHE A 10 -1.48 -2.66 4.99
CA PHE A 10 -2.28 -2.44 6.16
C PHE A 10 -2.65 -0.99 6.14
N LEU A 11 -3.84 -0.66 6.68
CA LEU A 11 -4.35 0.70 6.67
C LEU A 11 -3.80 1.40 7.88
N GLY A 12 -3.13 2.54 7.64
CA GLY A 12 -2.46 3.32 8.67
C GLY A 12 -0.98 3.15 8.53
N CYS A 13 -0.54 2.04 7.88
CA CYS A 13 0.86 1.71 7.72
C CYS A 13 1.37 2.44 6.50
N GLY A 14 0.86 2.05 5.31
CA GLY A 14 1.28 2.68 4.09
C GLY A 14 0.47 2.09 2.98
N THR A 15 0.93 2.30 1.73
CA THR A 15 0.32 1.85 0.53
C THR A 15 0.85 0.46 0.21
N ALA A 16 0.39 -0.11 -0.91
CA ALA A 16 1.00 -1.26 -1.51
C ALA A 16 0.99 -0.96 -2.97
N TRP A 17 1.83 -1.68 -3.75
CA TRP A 17 2.03 -1.38 -5.14
C TRP A 17 0.99 -2.13 -5.92
N ILE A 18 1.13 -3.47 -6.01
CA ILE A 18 0.13 -4.33 -6.60
C ILE A 18 -0.71 -4.87 -5.48
N CYS A 19 -2.00 -5.12 -5.78
CA CYS A 19 -2.92 -5.74 -4.87
C CYS A 19 -3.73 -6.65 -5.73
N VAL A 20 -4.31 -6.10 -6.84
CA VAL A 20 -5.08 -6.84 -7.80
C VAL A 20 -4.13 -7.44 -8.87
N CYS A 1 2.57 -1.80 3.25
CA CYS A 1 3.33 -0.77 3.91
C CYS A 1 4.62 -0.56 3.19
N VAL A 2 4.52 0.03 1.98
CA VAL A 2 5.61 0.62 1.25
C VAL A 2 5.10 2.02 1.01
N TRP A 3 5.76 2.80 0.13
CA TRP A 3 5.29 4.11 -0.20
C TRP A 3 5.43 4.27 -1.70
N GLY A 4 4.51 5.06 -2.29
CA GLY A 4 4.46 5.30 -3.71
C GLY A 4 3.66 4.22 -4.36
N GLY A 5 2.51 3.86 -3.74
CA GLY A 5 1.68 2.78 -4.20
C GLY A 5 0.29 3.28 -4.43
N ASP A 6 -0.51 2.44 -5.12
CA ASP A 6 -1.85 2.76 -5.55
C ASP A 6 -2.82 2.30 -4.50
N CYS A 7 -2.57 1.13 -3.87
CA CYS A 7 -3.52 0.46 -3.02
C CYS A 7 -3.01 0.57 -1.60
N THR A 8 -3.23 -0.47 -0.76
CA THR A 8 -2.97 -0.40 0.66
C THR A 8 -2.40 -1.75 1.03
N ASP A 9 -1.40 -1.78 1.97
CA ASP A 9 -0.99 -3.01 2.62
C ASP A 9 -1.89 -3.12 3.82
N PHE A 10 -1.40 -2.70 5.01
CA PHE A 10 -2.15 -2.50 6.21
C PHE A 10 -2.59 -1.07 6.18
N LEU A 11 -3.82 -0.80 6.68
CA LEU A 11 -4.38 0.53 6.67
C LEU A 11 -3.88 1.25 7.88
N GLY A 12 -3.22 2.42 7.66
CA GLY A 12 -2.63 3.23 8.68
C GLY A 12 -1.14 3.23 8.51
N CYS A 13 -0.58 2.11 7.96
CA CYS A 13 0.85 1.92 7.82
C CYS A 13 1.28 2.60 6.54
N GLY A 14 0.80 2.12 5.38
CA GLY A 14 1.17 2.73 4.13
C GLY A 14 0.37 2.12 3.03
N THR A 15 0.83 2.35 1.78
CA THR A 15 0.24 1.89 0.57
C THR A 15 0.85 0.56 0.22
N ALA A 16 0.38 -0.05 -0.89
CA ALA A 16 1.02 -1.19 -1.48
C ALA A 16 1.00 -0.95 -2.94
N TRP A 17 1.84 -1.69 -3.70
CA TRP A 17 2.03 -1.48 -5.11
C TRP A 17 0.99 -2.30 -5.83
N ILE A 18 1.20 -3.63 -5.88
CA ILE A 18 0.29 -4.55 -6.54
C ILE A 18 -0.58 -5.13 -5.45
N CYS A 19 -1.91 -5.04 -5.66
CA CYS A 19 -2.90 -5.69 -4.84
C CYS A 19 -3.71 -6.52 -5.79
N VAL A 20 -4.22 -5.87 -6.87
CA VAL A 20 -4.98 -6.52 -7.90
C VAL A 20 -3.97 -7.00 -8.96
N CYS A 1 2.36 -1.91 3.01
CA CYS A 1 3.16 -0.92 3.69
C CYS A 1 4.43 -0.71 2.94
N VAL A 2 4.32 0.02 1.80
CA VAL A 2 5.44 0.54 1.06
C VAL A 2 5.13 2.01 0.91
N TRP A 3 5.89 2.71 0.04
CA TRP A 3 5.67 4.11 -0.23
C TRP A 3 5.58 4.26 -1.72
N GLY A 4 4.66 5.13 -2.17
CA GLY A 4 4.52 5.51 -3.55
C GLY A 4 3.71 4.49 -4.28
N GLY A 5 2.49 4.22 -3.79
CA GLY A 5 1.60 3.23 -4.36
C GLY A 5 0.24 3.82 -4.44
N ASP A 6 -0.66 3.09 -5.13
CA ASP A 6 -2.00 3.53 -5.44
C ASP A 6 -2.93 2.98 -4.39
N CYS A 7 -2.68 1.73 -3.96
CA CYS A 7 -3.59 0.96 -3.14
C CYS A 7 -3.03 0.95 -1.74
N THR A 8 -3.34 -0.09 -0.92
CA THR A 8 -3.06 -0.09 0.49
C THR A 8 -2.60 -1.49 0.82
N ASP A 9 -1.62 -1.63 1.76
CA ASP A 9 -1.26 -2.92 2.33
C ASP A 9 -2.15 -3.06 3.54
N PHE A 10 -1.60 -2.78 4.74
CA PHE A 10 -2.28 -2.69 6.00
C PHE A 10 -2.79 -1.29 6.14
N LEU A 11 -3.86 -1.11 6.95
CA LEU A 11 -4.52 0.15 7.12
C LEU A 11 -3.74 0.97 8.11
N GLY A 12 -3.32 2.18 7.70
CA GLY A 12 -2.63 3.13 8.55
C GLY A 12 -1.13 3.04 8.38
N CYS A 13 -0.63 1.93 7.79
CA CYS A 13 0.79 1.69 7.65
C CYS A 13 1.27 2.39 6.41
N GLY A 14 0.81 1.94 5.22
CA GLY A 14 1.24 2.57 4.00
C GLY A 14 0.44 2.04 2.86
N THR A 15 0.95 2.27 1.62
CA THR A 15 0.33 1.92 0.39
C THR A 15 0.75 0.52 0.00
N ALA A 16 0.33 0.06 -1.19
CA ALA A 16 0.81 -1.17 -1.76
C ALA A 16 1.02 -0.91 -3.21
N TRP A 17 1.80 -1.80 -3.87
CA TRP A 17 2.09 -1.74 -5.27
C TRP A 17 1.27 -2.85 -5.88
N ILE A 18 1.63 -4.11 -5.52
CA ILE A 18 0.90 -5.30 -5.92
C ILE A 18 -0.14 -5.49 -4.85
N CYS A 19 -1.42 -5.56 -5.28
CA CYS A 19 -2.54 -5.62 -4.38
C CYS A 19 -3.59 -6.39 -5.13
N VAL A 20 -4.02 -5.86 -6.30
CA VAL A 20 -4.98 -6.47 -7.17
C VAL A 20 -4.26 -7.41 -8.17
N CYS A 1 2.39 -1.62 2.97
CA CYS A 1 3.19 -0.85 3.91
C CYS A 1 4.26 -0.11 3.19
N VAL A 2 4.42 -0.31 1.86
CA VAL A 2 5.45 0.35 1.07
C VAL A 2 4.91 1.69 0.67
N TRP A 3 5.77 2.60 0.17
CA TRP A 3 5.37 3.95 -0.14
C TRP A 3 5.63 4.19 -1.60
N GLY A 4 4.79 5.06 -2.20
CA GLY A 4 4.84 5.41 -3.59
C GLY A 4 3.94 4.48 -4.35
N GLY A 5 2.75 4.19 -3.78
CA GLY A 5 1.81 3.26 -4.34
C GLY A 5 0.49 3.94 -4.46
N ASP A 6 -0.46 3.24 -5.13
CA ASP A 6 -1.77 3.75 -5.43
C ASP A 6 -2.75 3.16 -4.45
N CYS A 7 -2.58 1.86 -4.11
CA CYS A 7 -3.53 1.07 -3.37
C CYS A 7 -3.08 1.05 -1.93
N THR A 8 -3.26 -0.07 -1.20
CA THR A 8 -3.07 -0.13 0.23
C THR A 8 -2.49 -1.48 0.51
N ASP A 9 -1.55 -1.57 1.50
CA ASP A 9 -1.11 -2.85 2.05
C ASP A 9 -2.06 -3.12 3.19
N PHE A 10 -1.61 -2.85 4.42
CA PHE A 10 -2.37 -2.87 5.64
C PHE A 10 -2.91 -1.49 5.84
N LEU A 11 -3.98 -1.38 6.68
CA LEU A 11 -4.67 -0.14 6.92
C LEU A 11 -3.91 0.65 7.95
N GLY A 12 -3.50 1.88 7.57
CA GLY A 12 -2.81 2.80 8.44
C GLY A 12 -1.32 2.65 8.33
N CYS A 13 -0.84 1.63 7.58
CA CYS A 13 0.57 1.33 7.45
C CYS A 13 1.11 2.12 6.29
N GLY A 14 0.58 1.85 5.07
CA GLY A 14 1.01 2.59 3.91
C GLY A 14 0.22 2.13 2.73
N THR A 15 0.70 2.47 1.51
CA THR A 15 0.14 2.12 0.25
C THR A 15 0.72 0.79 -0.17
N ALA A 16 0.43 0.34 -1.41
CA ALA A 16 1.01 -0.87 -1.92
C ALA A 16 1.24 -0.68 -3.38
N TRP A 17 2.11 -1.55 -3.95
CA TRP A 17 2.44 -1.58 -5.35
C TRP A 17 1.65 -2.72 -5.92
N ILE A 18 2.01 -3.96 -5.51
CA ILE A 18 1.31 -5.17 -5.90
C ILE A 18 0.24 -5.36 -4.86
N CYS A 19 -1.03 -5.40 -5.32
CA CYS A 19 -2.18 -5.49 -4.46
C CYS A 19 -3.24 -6.20 -5.24
N VAL A 20 -4.33 -6.60 -4.55
CA VAL A 20 -5.47 -7.26 -5.16
C VAL A 20 -6.35 -6.19 -5.83
N CYS A 1 2.57 -1.88 3.38
CA CYS A 1 3.49 -1.01 4.08
C CYS A 1 4.63 -0.69 3.13
N VAL A 2 4.33 0.08 2.06
CA VAL A 2 5.35 0.66 1.21
C VAL A 2 4.88 2.08 1.02
N TRP A 3 5.48 2.83 0.06
CA TRP A 3 5.05 4.17 -0.23
C TRP A 3 5.11 4.32 -1.72
N GLY A 4 4.11 5.04 -2.28
CA GLY A 4 4.00 5.29 -3.70
C GLY A 4 3.36 4.10 -4.35
N GLY A 5 2.13 3.77 -3.93
CA GLY A 5 1.44 2.60 -4.38
C GLY A 5 0.00 2.94 -4.64
N ASP A 6 -0.75 1.93 -5.12
CA ASP A 6 -2.10 2.10 -5.62
C ASP A 6 -3.09 1.95 -4.49
N CYS A 7 -2.90 0.93 -3.63
CA CYS A 7 -3.90 0.54 -2.66
C CYS A 7 -3.28 0.68 -1.30
N THR A 8 -3.40 -0.35 -0.42
CA THR A 8 -3.07 -0.26 0.98
C THR A 8 -2.49 -1.62 1.32
N ASP A 9 -1.48 -1.67 2.24
CA ASP A 9 -1.07 -2.91 2.87
C ASP A 9 -1.95 -3.01 4.11
N PHE A 10 -1.41 -2.61 5.27
CA PHE A 10 -2.13 -2.37 6.49
C PHE A 10 -2.52 -0.92 6.47
N LEU A 11 -3.68 -0.59 7.08
CA LEU A 11 -4.22 0.74 7.07
C LEU A 11 -3.57 1.52 8.18
N GLY A 12 -2.97 2.68 7.82
CA GLY A 12 -2.24 3.53 8.74
C GLY A 12 -0.77 3.36 8.53
N CYS A 13 -0.36 2.23 7.90
CA CYS A 13 1.02 1.89 7.68
C CYS A 13 1.48 2.54 6.40
N GLY A 14 0.95 2.08 5.25
CA GLY A 14 1.32 2.64 3.98
C GLY A 14 0.46 2.03 2.92
N THR A 15 0.90 2.18 1.65
CA THR A 15 0.23 1.74 0.48
C THR A 15 0.67 0.33 0.17
N ALA A 16 0.25 -0.22 -0.99
CA ALA A 16 0.78 -1.46 -1.50
C ALA A 16 0.89 -1.29 -2.98
N TRP A 17 1.92 -1.94 -3.58
CA TRP A 17 2.24 -1.84 -4.99
C TRP A 17 1.44 -2.88 -5.71
N ILE A 18 1.49 -4.14 -5.22
CA ILE A 18 0.75 -5.24 -5.76
C ILE A 18 -0.63 -5.15 -5.16
N CYS A 19 -1.64 -4.95 -6.04
CA CYS A 19 -3.01 -4.80 -5.65
C CYS A 19 -3.80 -5.45 -6.75
N VAL A 20 -3.51 -5.04 -8.01
CA VAL A 20 -4.12 -5.59 -9.20
C VAL A 20 -3.40 -6.90 -9.57
N CYS A 1 2.66 -1.85 3.40
CA CYS A 1 3.53 -0.96 4.14
C CYS A 1 4.70 -0.60 3.26
N VAL A 2 4.45 0.15 2.17
CA VAL A 2 5.49 0.77 1.38
C VAL A 2 4.98 2.18 1.17
N TRP A 3 5.58 2.93 0.23
CA TRP A 3 5.11 4.25 -0.09
C TRP A 3 5.22 4.40 -1.58
N GLY A 4 4.25 5.14 -2.17
CA GLY A 4 4.20 5.42 -3.58
C GLY A 4 3.48 4.32 -4.28
N GLY A 5 2.24 4.00 -3.82
CA GLY A 5 1.43 2.95 -4.38
C GLY A 5 0.03 3.44 -4.42
N ASP A 6 -0.83 2.68 -5.13
CA ASP A 6 -2.21 3.03 -5.38
C ASP A 6 -3.07 2.38 -4.33
N CYS A 7 -2.66 1.18 -3.87
CA CYS A 7 -3.46 0.33 -3.02
C CYS A 7 -2.95 0.50 -1.61
N THR A 8 -3.16 -0.51 -0.73
CA THR A 8 -2.89 -0.41 0.69
C THR A 8 -2.30 -1.75 1.09
N ASP A 9 -1.33 -1.76 2.05
CA ASP A 9 -0.92 -2.98 2.73
C ASP A 9 -1.87 -3.08 3.90
N PHE A 10 -1.40 -2.65 5.10
CA PHE A 10 -2.21 -2.43 6.27
C PHE A 10 -2.62 -0.99 6.22
N LEU A 11 -3.82 -0.67 6.76
CA LEU A 11 -4.37 0.65 6.73
C LEU A 11 -3.80 1.42 7.89
N GLY A 12 -3.18 2.59 7.60
CA GLY A 12 -2.53 3.42 8.58
C GLY A 12 -1.04 3.28 8.45
N CYS A 13 -0.57 2.16 7.83
CA CYS A 13 0.83 1.85 7.69
C CYS A 13 1.33 2.52 6.43
N GLY A 14 0.85 2.08 5.26
CA GLY A 14 1.27 2.67 4.01
C GLY A 14 0.48 2.04 2.92
N THR A 15 0.94 2.22 1.66
CA THR A 15 0.34 1.74 0.47
C THR A 15 0.86 0.36 0.17
N ALA A 16 0.44 -0.23 -0.97
CA ALA A 16 1.07 -1.41 -1.50
C ALA A 16 1.06 -1.27 -2.98
N TRP A 17 2.06 -1.90 -3.64
CA TRP A 17 2.30 -1.77 -5.05
C TRP A 17 1.53 -2.86 -5.75
N ILE A 18 1.80 -4.12 -5.36
CA ILE A 18 1.21 -5.29 -5.98
C ILE A 18 -0.15 -5.49 -5.36
N CYS A 19 -1.20 -5.30 -6.19
CA CYS A 19 -2.57 -5.49 -5.80
C CYS A 19 -3.30 -5.87 -7.06
N VAL A 20 -4.54 -6.39 -6.89
CA VAL A 20 -5.39 -6.77 -8.00
C VAL A 20 -6.12 -5.49 -8.46
N CYS A 1 2.40 -2.08 3.04
CA CYS A 1 3.34 -1.30 3.82
C CYS A 1 4.52 -0.98 2.93
N VAL A 2 4.30 -0.13 1.90
CA VAL A 2 5.37 0.46 1.14
C VAL A 2 4.97 1.91 1.05
N TRP A 3 5.63 2.71 0.18
CA TRP A 3 5.24 4.08 -0.04
C TRP A 3 5.38 4.34 -1.50
N GLY A 4 4.46 5.16 -2.06
CA GLY A 4 4.43 5.52 -3.44
C GLY A 4 3.65 4.49 -4.20
N GLY A 5 2.39 4.24 -3.77
CA GLY A 5 1.55 3.25 -4.37
C GLY A 5 0.17 3.80 -4.45
N ASP A 6 -0.71 3.06 -5.16
CA ASP A 6 -2.06 3.47 -5.47
C ASP A 6 -2.99 2.91 -4.43
N CYS A 7 -2.72 1.66 -3.99
CA CYS A 7 -3.61 0.89 -3.15
C CYS A 7 -3.04 0.89 -1.76
N THR A 8 -3.35 -0.14 -0.94
CA THR A 8 -3.05 -0.12 0.48
C THR A 8 -2.57 -1.51 0.81
N ASP A 9 -1.60 -1.64 1.75
CA ASP A 9 -1.27 -2.91 2.37
C ASP A 9 -2.19 -3.01 3.55
N PHE A 10 -1.69 -2.69 4.75
CA PHE A 10 -2.44 -2.51 5.97
C PHE A 10 -2.78 -1.04 6.04
N LEU A 11 -3.92 -0.73 6.70
CA LEU A 11 -4.43 0.62 6.80
C LEU A 11 -3.72 1.26 7.97
N GLY A 12 -3.10 2.44 7.72
CA GLY A 12 -2.35 3.17 8.71
C GLY A 12 -0.89 2.95 8.51
N CYS A 13 -0.51 1.86 7.79
CA CYS A 13 0.87 1.48 7.59
C CYS A 13 1.38 2.22 6.38
N GLY A 14 0.87 1.88 5.18
CA GLY A 14 1.30 2.53 3.98
C GLY A 14 0.47 2.02 2.85
N THR A 15 0.94 2.26 1.60
CA THR A 15 0.30 1.90 0.39
C THR A 15 0.72 0.51 0.00
N ALA A 16 0.32 0.05 -1.19
CA ALA A 16 0.79 -1.18 -1.77
C ALA A 16 1.02 -0.90 -3.22
N TRP A 17 1.87 -1.73 -3.85
CA TRP A 17 2.19 -1.63 -5.25
C TRP A 17 1.36 -2.69 -5.92
N ILE A 18 1.70 -3.97 -5.68
CA ILE A 18 0.90 -5.10 -6.10
C ILE A 18 -0.09 -5.34 -4.99
N CYS A 19 -1.37 -5.53 -5.37
CA CYS A 19 -2.45 -5.67 -4.44
C CYS A 19 -3.47 -6.52 -5.14
N VAL A 20 -4.04 -6.00 -6.25
CA VAL A 20 -4.99 -6.69 -7.08
C VAL A 20 -4.18 -7.50 -8.11
N CYS A 1 2.59 -1.85 3.28
CA CYS A 1 3.43 -0.99 4.09
C CYS A 1 4.63 -0.60 3.27
N VAL A 2 4.42 0.19 2.20
CA VAL A 2 5.51 0.80 1.45
C VAL A 2 5.08 2.23 1.26
N TRP A 3 5.83 3.00 0.44
CA TRP A 3 5.51 4.36 0.11
C TRP A 3 5.53 4.43 -1.40
N GLY A 4 4.63 5.26 -1.96
CA GLY A 4 4.57 5.55 -3.38
C GLY A 4 3.90 4.44 -4.11
N GLY A 5 2.66 4.10 -3.69
CA GLY A 5 1.92 3.00 -4.24
C GLY A 5 0.53 3.42 -4.53
N ASP A 6 -0.21 2.54 -5.23
CA ASP A 6 -1.53 2.78 -5.76
C ASP A 6 -2.57 2.39 -4.76
N CYS A 7 -2.35 1.26 -4.05
CA CYS A 7 -3.33 0.63 -3.21
C CYS A 7 -2.83 0.71 -1.80
N THR A 8 -3.09 -0.33 -0.96
CA THR A 8 -2.86 -0.29 0.46
C THR A 8 -2.30 -1.64 0.83
N ASP A 9 -1.35 -1.71 1.81
CA ASP A 9 -0.96 -2.96 2.44
C ASP A 9 -1.94 -3.13 3.58
N PHE A 10 -1.52 -2.75 4.80
CA PHE A 10 -2.36 -2.59 5.95
C PHE A 10 -2.76 -1.15 5.97
N LEU A 11 -3.98 -0.86 6.48
CA LEU A 11 -4.51 0.48 6.49
C LEU A 11 -4.00 1.18 7.71
N GLY A 12 -3.37 2.35 7.50
CA GLY A 12 -2.74 3.14 8.54
C GLY A 12 -1.26 2.99 8.46
N CYS A 13 -0.77 1.91 7.82
CA CYS A 13 0.63 1.59 7.71
C CYS A 13 1.19 2.34 6.52
N GLY A 14 0.75 1.95 5.31
CA GLY A 14 1.22 2.60 4.11
C GLY A 14 0.45 2.05 2.96
N THR A 15 0.97 2.29 1.73
CA THR A 15 0.40 1.89 0.49
C THR A 15 0.92 0.53 0.14
N ALA A 16 0.51 0.00 -1.04
CA ALA A 16 1.12 -1.16 -1.63
C ALA A 16 1.13 -0.86 -3.09
N TRP A 17 1.96 -1.60 -3.85
CA TRP A 17 2.19 -1.33 -5.25
C TRP A 17 1.16 -2.10 -6.03
N ILE A 18 1.33 -3.44 -6.11
CA ILE A 18 0.42 -4.32 -6.82
C ILE A 18 -0.49 -4.90 -5.77
N CYS A 19 -1.82 -4.82 -6.03
CA CYS A 19 -2.83 -5.48 -5.24
C CYS A 19 -3.66 -6.24 -6.22
N VAL A 20 -4.46 -7.21 -5.70
CA VAL A 20 -5.34 -8.03 -6.49
C VAL A 20 -6.69 -7.33 -6.72
N CYS A 1 2.57 -1.66 3.30
CA CYS A 1 3.29 -0.59 3.94
C CYS A 1 4.57 -0.35 3.20
N VAL A 2 4.45 0.29 2.01
CA VAL A 2 5.55 0.84 1.27
C VAL A 2 5.10 2.27 1.02
N TRP A 3 5.76 2.98 0.08
CA TRP A 3 5.33 4.30 -0.28
C TRP A 3 5.47 4.39 -1.77
N GLY A 4 4.53 5.12 -2.41
CA GLY A 4 4.48 5.32 -3.84
C GLY A 4 3.78 4.16 -4.48
N GLY A 5 2.56 3.85 -3.96
CA GLY A 5 1.77 2.74 -4.43
C GLY A 5 0.37 3.23 -4.61
N ASP A 6 -0.47 2.38 -5.24
CA ASP A 6 -1.81 2.71 -5.64
C ASP A 6 -2.77 2.35 -4.54
N CYS A 7 -2.56 1.17 -3.91
CA CYS A 7 -3.53 0.56 -3.02
C CYS A 7 -3.00 0.70 -1.61
N THR A 8 -3.19 -0.34 -0.76
CA THR A 8 -2.91 -0.27 0.65
C THR A 8 -2.36 -1.62 1.03
N ASP A 9 -1.38 -1.68 1.97
CA ASP A 9 -0.96 -2.92 2.61
C ASP A 9 -1.86 -3.08 3.82
N PHE A 10 -1.35 -2.71 5.01
CA PHE A 10 -2.04 -2.66 6.27
C PHE A 10 -2.77 -1.34 6.31
N LEU A 11 -3.93 -1.31 7.01
CA LEU A 11 -4.76 -0.14 7.13
C LEU A 11 -4.15 0.76 8.17
N GLY A 12 -3.60 1.91 7.72
CA GLY A 12 -2.96 2.87 8.57
C GLY A 12 -1.51 2.54 8.73
N CYS A 13 -0.80 2.34 7.59
CA CYS A 13 0.63 2.15 7.59
C CYS A 13 1.10 2.81 6.33
N GLY A 14 0.82 2.19 5.16
CA GLY A 14 1.22 2.78 3.90
C GLY A 14 0.47 2.13 2.80
N THR A 15 0.97 2.29 1.56
CA THR A 15 0.37 1.84 0.34
C THR A 15 0.88 0.45 0.05
N ALA A 16 0.51 -0.10 -1.13
CA ALA A 16 1.11 -1.32 -1.62
C ALA A 16 1.26 -1.15 -3.10
N TRP A 17 2.26 -1.84 -3.67
CA TRP A 17 2.61 -1.77 -5.07
C TRP A 17 1.82 -2.82 -5.79
N ILE A 18 1.84 -4.07 -5.27
CA ILE A 18 1.09 -5.17 -5.81
C ILE A 18 -0.30 -5.03 -5.26
N CYS A 19 -1.29 -4.86 -6.18
CA CYS A 19 -2.65 -4.58 -5.85
C CYS A 19 -3.49 -5.65 -6.49
N VAL A 20 -4.77 -5.74 -6.05
CA VAL A 20 -5.72 -6.71 -6.56
C VAL A 20 -6.40 -6.18 -7.83
N CYS A 1 2.41 -2.11 3.01
CA CYS A 1 3.33 -1.33 3.80
C CYS A 1 4.51 -0.98 2.95
N VAL A 2 4.31 -0.13 1.93
CA VAL A 2 5.37 0.50 1.19
C VAL A 2 4.95 1.95 1.11
N TRP A 3 5.61 2.76 0.26
CA TRP A 3 5.20 4.14 0.08
C TRP A 3 5.35 4.44 -1.38
N GLY A 4 4.42 5.26 -1.91
CA GLY A 4 4.40 5.69 -3.28
C GLY A 4 3.66 4.68 -4.10
N GLY A 5 2.41 4.37 -3.71
CA GLY A 5 1.60 3.39 -4.37
C GLY A 5 0.20 3.92 -4.44
N ASP A 6 -0.65 3.19 -5.19
CA ASP A 6 -2.01 3.58 -5.49
C ASP A 6 -2.92 2.95 -4.48
N CYS A 7 -2.62 1.69 -4.09
CA CYS A 7 -3.50 0.86 -3.30
C CYS A 7 -2.96 0.85 -1.89
N THR A 8 -3.27 -0.19 -1.08
CA THR A 8 -3.01 -0.18 0.34
C THR A 8 -2.52 -1.58 0.67
N ASP A 9 -1.56 -1.71 1.63
CA ASP A 9 -1.23 -2.99 2.23
C ASP A 9 -2.19 -3.10 3.40
N PHE A 10 -1.71 -2.77 4.62
CA PHE A 10 -2.52 -2.58 5.79
C PHE A 10 -2.82 -1.12 5.83
N LEU A 11 -4.02 -0.75 6.37
CA LEU A 11 -4.47 0.61 6.43
C LEU A 11 -3.90 1.23 7.66
N GLY A 12 -3.18 2.37 7.48
CA GLY A 12 -2.50 3.06 8.54
C GLY A 12 -1.02 2.85 8.41
N CYS A 13 -0.61 1.76 7.71
CA CYS A 13 0.77 1.38 7.54
C CYS A 13 1.31 2.14 6.36
N GLY A 14 0.81 1.82 5.15
CA GLY A 14 1.27 2.48 3.95
C GLY A 14 0.45 1.98 2.81
N THR A 15 0.94 2.22 1.58
CA THR A 15 0.32 1.86 0.35
C THR A 15 0.76 0.47 -0.03
N ALA A 16 0.38 0.02 -1.24
CA ALA A 16 0.89 -1.20 -1.82
C ALA A 16 1.18 -0.88 -3.25
N TRP A 17 2.01 -1.72 -3.88
CA TRP A 17 2.37 -1.62 -5.27
C TRP A 17 1.66 -2.75 -5.94
N ILE A 18 2.06 -4.01 -5.60
CA ILE A 18 1.42 -5.21 -6.07
C ILE A 18 0.29 -5.47 -5.10
N CYS A 19 -0.95 -5.47 -5.62
CA CYS A 19 -2.14 -5.61 -4.81
C CYS A 19 -3.17 -6.24 -5.69
N VAL A 20 -4.29 -6.68 -5.08
CA VAL A 20 -5.41 -7.27 -5.78
C VAL A 20 -6.26 -6.13 -6.39
N CYS A 1 2.57 -1.80 3.37
CA CYS A 1 3.48 -0.93 4.07
C CYS A 1 4.62 -0.61 3.15
N VAL A 2 4.36 0.13 2.06
CA VAL A 2 5.38 0.70 1.21
C VAL A 2 4.93 2.12 0.98
N TRP A 3 5.55 2.84 0.03
CA TRP A 3 5.12 4.17 -0.33
C TRP A 3 5.22 4.26 -1.81
N GLY A 4 4.26 4.98 -2.43
CA GLY A 4 4.18 5.18 -3.86
C GLY A 4 3.45 4.02 -4.46
N GLY A 5 2.24 3.72 -3.94
CA GLY A 5 1.46 2.59 -4.35
C GLY A 5 0.04 3.05 -4.51
N ASP A 6 -0.78 2.17 -5.11
CA ASP A 6 -2.12 2.48 -5.55
C ASP A 6 -3.13 2.13 -4.50
N CYS A 7 -2.91 1.05 -3.72
CA CYS A 7 -3.87 0.57 -2.74
C CYS A 7 -3.23 0.72 -1.38
N THR A 8 -3.37 -0.30 -0.49
CA THR A 8 -3.02 -0.20 0.90
C THR A 8 -2.48 -1.55 1.28
N ASP A 9 -1.47 -1.61 2.20
CA ASP A 9 -1.06 -2.85 2.84
C ASP A 9 -1.94 -2.95 4.07
N PHE A 10 -1.37 -2.60 5.24
CA PHE A 10 -2.05 -2.47 6.51
C PHE A 10 -2.56 -1.06 6.58
N LEU A 11 -3.62 -0.86 7.41
CA LEU A 11 -4.31 0.40 7.52
C LEU A 11 -3.54 1.31 8.43
N GLY A 12 -3.16 2.51 7.90
CA GLY A 12 -2.44 3.52 8.63
C GLY A 12 -0.96 3.35 8.49
N CYS A 13 -0.51 2.28 7.80
CA CYS A 13 0.89 1.95 7.64
C CYS A 13 1.37 2.62 6.39
N GLY A 14 0.92 2.12 5.22
CA GLY A 14 1.33 2.68 3.97
C GLY A 14 0.50 2.06 2.89
N THR A 15 0.93 2.23 1.62
CA THR A 15 0.26 1.79 0.45
C THR A 15 0.71 0.37 0.14
N ALA A 16 0.29 -0.16 -1.03
CA ALA A 16 0.83 -1.41 -1.52
C ALA A 16 0.91 -1.27 -3.01
N TRP A 17 1.92 -1.95 -3.60
CA TRP A 17 2.22 -1.90 -5.01
C TRP A 17 1.41 -2.97 -5.69
N ILE A 18 1.46 -4.20 -5.15
CA ILE A 18 0.72 -5.33 -5.65
C ILE A 18 -0.68 -5.21 -5.09
N CYS A 19 -1.66 -5.09 -6.00
CA CYS A 19 -3.04 -4.89 -5.63
C CYS A 19 -3.83 -5.53 -6.74
N VAL A 20 -3.52 -5.13 -7.99
CA VAL A 20 -4.21 -5.62 -9.18
C VAL A 20 -3.48 -6.89 -9.62
N CYS A 1 2.58 -1.80 3.29
CA CYS A 1 3.31 -0.74 3.95
C CYS A 1 4.58 -0.48 3.19
N VAL A 2 4.43 0.19 2.03
CA VAL A 2 5.51 0.80 1.29
C VAL A 2 5.04 2.22 1.12
N TRP A 3 5.67 2.98 0.20
CA TRP A 3 5.23 4.33 -0.09
C TRP A 3 5.33 4.50 -1.57
N GLY A 4 4.34 5.23 -2.15
CA GLY A 4 4.26 5.51 -3.55
C GLY A 4 3.64 4.33 -4.24
N GLY A 5 2.41 3.97 -3.82
CA GLY A 5 1.73 2.80 -4.30
C GLY A 5 0.31 3.15 -4.60
N ASP A 6 -0.41 2.16 -5.17
CA ASP A 6 -1.73 2.33 -5.72
C ASP A 6 -2.77 2.08 -4.67
N CYS A 7 -2.58 1.02 -3.84
CA CYS A 7 -3.59 0.52 -2.95
C CYS A 7 -3.06 0.64 -1.56
N THR A 8 -3.20 -0.42 -0.72
CA THR A 8 -2.94 -0.38 0.70
C THR A 8 -2.38 -1.73 1.05
N ASP A 9 -1.39 -1.79 1.99
CA ASP A 9 -0.97 -3.03 2.62
C ASP A 9 -1.88 -3.17 3.82
N PHE A 10 -1.37 -2.79 5.02
CA PHE A 10 -2.12 -2.59 6.23
C PHE A 10 -2.59 -1.17 6.19
N LEU A 11 -3.81 -0.91 6.72
CA LEU A 11 -4.42 0.40 6.71
C LEU A 11 -3.89 1.17 7.89
N GLY A 12 -3.28 2.35 7.59
CA GLY A 12 -2.69 3.22 8.59
C GLY A 12 -1.20 3.22 8.40
N CYS A 13 -0.63 2.12 7.88
CA CYS A 13 0.80 1.93 7.73
C CYS A 13 1.24 2.59 6.45
N GLY A 14 0.78 2.08 5.29
CA GLY A 14 1.19 2.66 4.04
C GLY A 14 0.41 2.03 2.92
N THR A 15 0.90 2.22 1.68
CA THR A 15 0.32 1.80 0.45
C THR A 15 0.83 0.41 0.12
N ALA A 16 0.46 -0.12 -1.07
CA ALA A 16 1.05 -1.32 -1.60
C ALA A 16 1.18 -1.12 -3.07
N TRP A 17 2.22 -1.75 -3.67
CA TRP A 17 2.55 -1.62 -5.06
C TRP A 17 1.76 -2.65 -5.81
N ILE A 18 1.82 -3.92 -5.35
CA ILE A 18 1.04 -5.00 -5.90
C ILE A 18 -0.36 -4.89 -5.34
N CYS A 19 -1.37 -5.02 -6.22
CA CYS A 19 -2.75 -4.85 -5.85
C CYS A 19 -3.53 -5.74 -6.78
N VAL A 20 -4.73 -6.16 -6.35
CA VAL A 20 -5.64 -6.98 -7.12
C VAL A 20 -6.36 -6.09 -8.13
#